data_6A7Y
#
_entry.id   6A7Y
#
loop_
_entity.id
_entity.type
_entity.pdbx_description
1 polymer "DNA (5'-D(*GP*GP*TP*TP*TP*TP*GP*GP*GP*GP*TP*TP*TP*TP*GP*GP*GP*G)-3')"
2 polymer "DNA (5'-D(*TP*GP*GP*GP*GP*A)-3')"
#
loop_
_entity_poly.entity_id
_entity_poly.type
_entity_poly.pdbx_seq_one_letter_code
_entity_poly.pdbx_strand_id
1 'polydeoxyribonucleotide' (DG)(DG)(DT)(DT)(DT)(DT)(DG)(DG)(DG)(DG)(DT)(DT)(DT)(DT)(DG)(DG)(DG)(DG) A
2 'polydeoxyribonucleotide' (DT)(DG)(DG)(DG)(DG)(DA) B
#
loop_
_chem_comp.id
_chem_comp.type
_chem_comp.name
_chem_comp.formula
DA DNA linking 2'-DEOXYADENOSINE-5'-MONOPHOSPHATE 'C10 H14 N5 O6 P'
DG DNA linking 2'-DEOXYGUANOSINE-5'-MONOPHOSPHATE 'C10 H14 N5 O7 P'
DT DNA linking THYMIDINE-5'-MONOPHOSPHATE 'C10 H15 N2 O8 P'
#